data_7QEI
#
_entry.id   7QEI
#
_cell.length_a   77.110
_cell.length_b   109.264
_cell.length_c   73.025
_cell.angle_alpha   90.00
_cell.angle_beta   90.00
_cell.angle_gamma   90.00
#
_symmetry.space_group_name_H-M   'C 2 2 21'
#
loop_
_entity.id
_entity.type
_entity.pdbx_description
1 polymer 'Probable bifunctional methylenetetrahydrofolate dehydrogenase/cyclohydrolase 2'
2 non-polymer '(2S)-2-[[4-[[2,4-bis(azanyl)-6-oxidanylidene-1H-pyrimidin-5-yl]carbamoylamino]phenyl]carbonylamino]pentanedioic acid'
3 non-polymer "2'-MONOPHOSPHOADENOSINE-5'-DIPHOSPHATE"
4 water water
#
_entity_poly.entity_id   1
_entity_poly.type   'polypeptide(L)'
_entity_poly.pdbx_seq_one_letter_code
;MEAIIISGTEMAKHIQKEIQRGVESWVSLGNRRPHLSIILVGDNPASHTYVRNKIRAASAVGI(CSO)SELILKPKDVSQ
EELLDVTDQLNMDPRVSGILVQLPLPDHVDERTICNGIAPEKDVDGFHIINIGRLCLDQHSLIPATASAVWEIIKRTGIQ
TFGKNVVVAGRSKNVGMPIAMLLHTDGEHERPGGDATVTIAHRYTPKEQLKIHTQLADIIIVAAGIPKLITSDMVKEGAA
VIDVGINYVHDPVTGKTKLVGDVDFEAVKKKAGFITPVPGGVGPMTVAMLLKNTLLAAKKIIY
;
_entity_poly.pdbx_strand_id   A
#
# COMPACT_ATOMS: atom_id res chain seq x y z
N MET A 1 -11.28 -12.63 23.48
CA MET A 1 -12.54 -12.48 22.64
C MET A 1 -12.23 -12.94 21.20
N GLU A 2 -13.20 -13.53 20.48
CA GLU A 2 -12.96 -13.91 19.05
C GLU A 2 -12.95 -12.62 18.21
N ALA A 3 -11.80 -12.31 17.63
CA ALA A 3 -11.59 -11.15 16.74
C ALA A 3 -12.56 -11.24 15.57
N ILE A 4 -13.09 -10.10 15.15
CA ILE A 4 -13.72 -9.94 13.81
C ILE A 4 -12.60 -10.04 12.77
N ILE A 5 -12.66 -11.02 11.88
CA ILE A 5 -11.62 -11.23 10.84
C ILE A 5 -12.02 -10.42 9.61
N ILE A 6 -11.24 -9.39 9.28
CA ILE A 6 -11.53 -8.45 8.16
C ILE A 6 -11.16 -9.12 6.84
N SER A 7 -12.13 -9.29 5.95
CA SER A 7 -11.87 -9.84 4.59
C SER A 7 -11.35 -8.73 3.70
N GLY A 8 -10.05 -8.62 3.51
CA GLY A 8 -9.50 -7.70 2.50
C GLY A 8 -10.04 -8.02 1.11
N THR A 9 -10.15 -9.31 0.80
CA THR A 9 -10.58 -9.81 -0.53
C THR A 9 -11.94 -9.21 -0.90
N GLU A 10 -12.90 -9.31 0.03
CA GLU A 10 -14.29 -8.79 -0.10
C GLU A 10 -14.31 -7.26 -0.15
N MET A 11 -13.57 -6.61 0.74
CA MET A 11 -13.53 -5.13 0.76
C MET A 11 -12.96 -4.65 -0.57
N ALA A 12 -11.87 -5.25 -1.03
CA ALA A 12 -11.22 -4.90 -2.32
C ALA A 12 -12.25 -5.06 -3.45
N LYS A 13 -13.14 -6.04 -3.34
CA LYS A 13 -14.16 -6.31 -4.39
C LYS A 13 -15.15 -5.15 -4.44
N HIS A 14 -15.70 -4.76 -3.27
CA HIS A 14 -16.62 -3.59 -3.15
C HIS A 14 -15.93 -2.37 -3.77
N ILE A 15 -14.64 -2.17 -3.47
CA ILE A 15 -13.91 -0.93 -3.86
C ILE A 15 -13.65 -0.96 -5.37
N GLN A 16 -13.34 -2.13 -5.93
CA GLN A 16 -13.11 -2.26 -7.38
C GLN A 16 -14.42 -1.93 -8.12
N LYS A 17 -15.57 -2.33 -7.59
CA LYS A 17 -16.88 -1.94 -8.17
C LYS A 17 -16.99 -0.42 -8.24
N GLU A 18 -16.67 0.29 -7.15
CA GLU A 18 -16.71 1.77 -7.10
C GLU A 18 -15.78 2.34 -8.18
N ILE A 19 -14.58 1.77 -8.35
CA ILE A 19 -13.58 2.29 -9.33
C ILE A 19 -14.13 2.02 -10.73
N GLN A 20 -14.68 0.84 -10.97
CA GLN A 20 -15.32 0.48 -12.27
C GLN A 20 -16.38 1.54 -12.64
N ARG A 21 -17.28 1.86 -11.73
CA ARG A 21 -18.30 2.93 -11.92
C ARG A 21 -17.60 4.25 -12.20
N GLY A 22 -16.51 4.53 -11.47
CA GLY A 22 -15.69 5.73 -11.63
C GLY A 22 -15.12 5.83 -13.04
N VAL A 23 -14.55 4.72 -13.55
CA VAL A 23 -13.91 4.66 -14.89
C VAL A 23 -14.99 4.92 -15.96
N GLU A 24 -16.13 4.24 -15.89
CA GLU A 24 -17.24 4.42 -16.88
C GLU A 24 -17.69 5.88 -16.88
N SER A 25 -17.82 6.48 -15.70
CA SER A 25 -18.23 7.89 -15.54
C SER A 25 -17.22 8.80 -16.24
N TRP A 26 -15.91 8.58 -16.02
CA TRP A 26 -14.81 9.37 -16.64
C TRP A 26 -14.88 9.26 -18.16
N VAL A 27 -15.08 8.03 -18.67
CA VAL A 27 -15.16 7.73 -20.12
C VAL A 27 -16.51 8.24 -20.68
N SER A 28 -17.58 8.25 -19.87
CA SER A 28 -18.94 8.75 -20.25
C SER A 28 -18.83 10.22 -20.68
N LEU A 29 -18.17 11.05 -19.86
CA LEU A 29 -17.51 12.30 -20.29
C LEU A 29 -16.46 11.91 -21.34
N GLY A 30 -16.08 12.79 -22.27
CA GLY A 30 -15.37 12.40 -23.50
C GLY A 30 -13.93 11.93 -23.30
N ASN A 31 -13.53 11.55 -22.08
CA ASN A 31 -12.10 11.35 -21.68
C ASN A 31 -11.57 9.96 -22.05
N ARG A 32 -10.25 9.88 -22.12
CA ARG A 32 -9.50 8.66 -22.52
C ARG A 32 -9.63 7.64 -21.40
N ARG A 33 -9.83 6.37 -21.75
CA ARG A 33 -9.86 5.26 -20.76
C ARG A 33 -8.47 5.16 -20.15
N PRO A 34 -8.35 5.08 -18.81
CA PRO A 34 -7.04 4.97 -18.16
C PRO A 34 -6.24 3.82 -18.78
N HIS A 35 -4.93 4.04 -18.95
CA HIS A 35 -3.95 3.01 -19.36
C HIS A 35 -2.78 2.96 -18.37
N LEU A 36 -2.52 1.77 -17.83
CA LEU A 36 -1.49 1.52 -16.81
C LEU A 36 -0.37 0.72 -17.47
N SER A 37 0.85 1.27 -17.54
CA SER A 37 2.03 0.55 -18.09
C SER A 37 2.83 0.01 -16.90
N ILE A 38 3.06 -1.28 -16.86
CA ILE A 38 3.77 -1.94 -15.74
C ILE A 38 5.11 -2.49 -16.24
N ILE A 39 6.17 -2.25 -15.49
CA ILE A 39 7.54 -2.77 -15.80
C ILE A 39 7.87 -3.81 -14.74
N LEU A 40 8.03 -5.07 -15.16
CA LEU A 40 8.37 -6.19 -14.28
C LEU A 40 9.76 -6.67 -14.68
N VAL A 41 10.71 -6.55 -13.75
CA VAL A 41 12.13 -6.92 -13.94
C VAL A 41 12.37 -8.26 -13.25
N GLY A 42 12.91 -9.22 -13.99
CA GLY A 42 13.38 -10.49 -13.41
C GLY A 42 12.24 -11.48 -13.21
N ASP A 43 12.46 -12.44 -12.33
CA ASP A 43 11.73 -13.75 -12.37
C ASP A 43 11.12 -14.06 -11.00
N ASN A 44 11.10 -13.11 -10.06
CA ASN A 44 10.59 -13.38 -8.68
C ASN A 44 9.14 -13.85 -8.79
N PRO A 45 8.81 -15.08 -8.35
CA PRO A 45 7.45 -15.61 -8.53
C PRO A 45 6.40 -14.79 -7.77
N ALA A 46 6.71 -14.26 -6.58
CA ALA A 46 5.80 -13.38 -5.82
C ALA A 46 5.52 -12.10 -6.62
N SER A 47 6.56 -11.43 -7.11
CA SER A 47 6.47 -10.25 -8.00
C SER A 47 5.59 -10.57 -9.21
N HIS A 48 5.80 -11.72 -9.85
CA HIS A 48 4.99 -12.14 -11.02
C HIS A 48 3.53 -12.33 -10.57
N THR A 49 3.28 -12.92 -9.41
CA THR A 49 1.92 -13.16 -8.86
C THR A 49 1.20 -11.82 -8.67
N TYR A 50 1.87 -10.86 -8.04
CA TYR A 50 1.26 -9.57 -7.65
C TYR A 50 0.89 -8.77 -8.90
N VAL A 51 1.73 -8.82 -9.93
CA VAL A 51 1.52 -8.07 -11.21
C VAL A 51 0.35 -8.65 -11.99
N ARG A 52 0.24 -9.98 -12.03
CA ARG A 52 -0.92 -10.72 -12.61
C ARG A 52 -2.21 -10.30 -11.89
N ASN A 53 -2.20 -10.23 -10.57
CA ASN A 53 -3.39 -9.82 -9.79
C ASN A 53 -3.75 -8.38 -10.16
N LYS A 54 -2.74 -7.57 -10.42
CA LYS A 54 -2.92 -6.12 -10.70
C LYS A 54 -3.53 -5.98 -12.10
N ILE A 55 -2.99 -6.70 -13.08
CA ILE A 55 -3.48 -6.71 -14.49
C ILE A 55 -4.91 -7.27 -14.52
N ARG A 56 -5.17 -8.34 -13.76
CA ARG A 56 -6.49 -9.02 -13.79
C ARG A 56 -7.53 -8.04 -13.23
N ALA A 57 -7.21 -7.38 -12.13
CA ALA A 57 -8.09 -6.44 -11.41
C ALA A 57 -8.33 -5.20 -12.28
N ALA A 58 -7.28 -4.64 -12.88
CA ALA A 58 -7.34 -3.54 -13.86
C ALA A 58 -8.34 -3.89 -14.97
N SER A 59 -8.13 -5.02 -15.65
CA SER A 59 -9.07 -5.53 -16.68
C SER A 59 -10.51 -5.51 -16.14
N ALA A 60 -10.75 -6.00 -14.93
CA ALA A 60 -12.09 -6.17 -14.30
C ALA A 60 -12.75 -4.81 -14.15
N VAL A 61 -11.98 -3.76 -13.88
CA VAL A 61 -12.56 -2.41 -13.63
C VAL A 61 -12.55 -1.58 -14.94
N GLY A 62 -12.12 -2.16 -16.06
CA GLY A 62 -12.07 -1.47 -17.38
C GLY A 62 -10.91 -0.52 -17.50
N ILE A 63 -9.79 -0.82 -16.84
CA ILE A 63 -8.50 -0.09 -17.03
C ILE A 63 -7.58 -0.93 -17.92
N SER A 65 -4.08 -2.09 -19.58
CA SER A 65 -2.74 -2.28 -19.05
C SER A 65 -1.84 -2.83 -20.16
N GLU A 66 -0.54 -2.57 -20.08
CA GLU A 66 0.44 -3.36 -20.84
C GLU A 66 1.59 -3.73 -19.91
N LEU A 67 2.10 -4.95 -20.04
CA LEU A 67 3.19 -5.50 -19.23
C LEU A 67 4.50 -5.43 -20.03
N ILE A 68 5.47 -4.69 -19.52
CA ILE A 68 6.83 -4.55 -20.11
C ILE A 68 7.76 -5.38 -19.25
N LEU A 69 8.26 -6.50 -19.78
CA LEU A 69 9.22 -7.41 -19.11
C LEU A 69 10.65 -6.96 -19.40
N LYS A 70 11.50 -6.95 -18.38
CA LYS A 70 12.94 -6.74 -18.53
C LYS A 70 13.64 -7.83 -17.72
N PRO A 71 14.82 -8.31 -18.19
CA PRO A 71 15.54 -9.37 -17.49
C PRO A 71 16.18 -8.81 -16.22
N LYS A 72 16.55 -9.71 -15.30
CA LYS A 72 17.14 -9.30 -14.00
C LYS A 72 18.44 -8.50 -14.25
N ASP A 73 19.21 -8.78 -15.29
CA ASP A 73 20.54 -8.15 -15.45
C ASP A 73 20.42 -6.84 -16.25
N VAL A 74 19.22 -6.27 -16.36
CA VAL A 74 18.96 -4.95 -17.02
C VAL A 74 19.71 -3.85 -16.26
N SER A 75 20.13 -2.81 -16.96
CA SER A 75 20.83 -1.63 -16.39
C SER A 75 19.81 -0.61 -15.87
N GLN A 76 20.23 0.18 -14.89
CA GLN A 76 19.51 1.38 -14.44
C GLN A 76 19.12 2.24 -15.64
N GLU A 77 20.10 2.55 -16.49
CA GLU A 77 19.98 3.44 -17.67
C GLU A 77 18.85 2.92 -18.57
N GLU A 78 18.79 1.61 -18.76
CA GLU A 78 17.82 0.98 -19.70
C GLU A 78 16.41 1.18 -19.15
N LEU A 79 16.25 1.02 -17.83
CA LEU A 79 14.95 1.25 -17.12
C LEU A 79 14.54 2.71 -17.27
N LEU A 80 15.46 3.64 -17.07
CA LEU A 80 15.14 5.10 -17.15
C LEU A 80 14.78 5.45 -18.59
N ASP A 81 15.29 4.72 -19.58
CA ASP A 81 15.00 4.95 -21.01
C ASP A 81 13.52 4.64 -21.21
N VAL A 82 13.09 3.52 -20.64
CA VAL A 82 11.68 3.06 -20.76
C VAL A 82 10.79 4.07 -20.03
N THR A 83 11.14 4.50 -18.80
CA THR A 83 10.27 5.40 -18.01
C THR A 83 10.12 6.71 -18.81
N ASP A 84 11.21 7.24 -19.38
CA ASP A 84 11.19 8.47 -20.21
C ASP A 84 10.14 8.34 -21.31
N GLN A 85 10.22 7.26 -22.08
CA GLN A 85 9.32 6.98 -23.23
C GLN A 85 7.87 7.02 -22.75
N LEU A 86 7.61 6.41 -21.59
CA LEU A 86 6.24 6.25 -21.04
C LEU A 86 5.75 7.62 -20.56
N ASN A 87 6.65 8.37 -19.91
CA ASN A 87 6.37 9.76 -19.49
C ASN A 87 5.87 10.55 -20.69
N MET A 88 6.44 10.35 -21.88
CA MET A 88 6.15 11.16 -23.08
C MET A 88 4.96 10.60 -23.87
N ASP A 89 4.48 9.40 -23.54
CA ASP A 89 3.31 8.81 -24.25
C ASP A 89 2.03 9.31 -23.60
N PRO A 90 1.27 10.20 -24.29
CA PRO A 90 0.07 10.81 -23.72
C PRO A 90 -1.09 9.81 -23.51
N ARG A 91 -0.99 8.61 -24.06
CA ARG A 91 -2.04 7.56 -23.89
C ARG A 91 -1.78 6.79 -22.59
N VAL A 92 -0.58 6.89 -22.01
CA VAL A 92 -0.24 6.22 -20.72
C VAL A 92 -0.60 7.18 -19.58
N SER A 93 -1.58 6.84 -18.74
CA SER A 93 -2.02 7.66 -17.57
C SER A 93 -1.23 7.29 -16.31
N GLY A 94 -0.71 6.07 -16.23
CA GLY A 94 -0.06 5.57 -14.99
C GLY A 94 1.10 4.66 -15.33
N ILE A 95 2.18 4.73 -14.54
CA ILE A 95 3.44 3.95 -14.73
C ILE A 95 3.80 3.35 -13.39
N LEU A 96 3.98 2.02 -13.37
CA LEU A 96 4.29 1.23 -12.17
C LEU A 96 5.57 0.44 -12.42
N VAL A 97 6.57 0.58 -11.56
CA VAL A 97 7.76 -0.29 -11.61
C VAL A 97 7.69 -1.21 -10.39
N GLN A 98 7.39 -2.48 -10.62
CA GLN A 98 7.26 -3.49 -9.54
C GLN A 98 8.60 -3.58 -8.81
N LEU A 99 8.56 -3.52 -7.49
CA LEU A 99 9.73 -3.66 -6.61
C LEU A 99 9.65 -5.03 -5.95
N PRO A 100 10.79 -5.59 -5.51
CA PRO A 100 12.07 -4.89 -5.55
C PRO A 100 12.79 -5.04 -6.89
N LEU A 101 13.74 -4.16 -7.19
CA LEU A 101 14.59 -4.20 -8.39
C LEU A 101 15.93 -4.88 -8.11
N PRO A 102 16.73 -5.26 -9.14
CA PRO A 102 18.06 -5.84 -8.91
C PRO A 102 18.99 -4.91 -8.11
N ASP A 103 19.91 -5.48 -7.33
CA ASP A 103 20.82 -4.73 -6.42
C ASP A 103 21.62 -3.67 -7.20
N HIS A 104 21.91 -3.86 -8.50
CA HIS A 104 22.71 -2.89 -9.29
C HIS A 104 21.85 -1.75 -9.84
N VAL A 105 20.56 -1.70 -9.50
CA VAL A 105 19.62 -0.60 -9.90
C VAL A 105 19.27 0.19 -8.64
N ASP A 106 19.47 1.50 -8.66
CA ASP A 106 19.08 2.36 -7.52
C ASP A 106 17.57 2.60 -7.65
N GLU A 107 16.79 2.09 -6.69
CA GLU A 107 15.30 2.19 -6.62
C GLU A 107 14.85 3.65 -6.69
N ARG A 108 15.42 4.47 -5.79
CA ARG A 108 15.12 5.91 -5.63
C ARG A 108 15.27 6.61 -6.98
N THR A 109 16.33 6.30 -7.75
CA THR A 109 16.55 6.91 -9.09
C THR A 109 15.39 6.55 -10.02
N ILE A 110 14.96 5.28 -10.03
CA ILE A 110 13.91 4.82 -10.98
C ILE A 110 12.56 5.46 -10.59
N CYS A 111 12.19 5.36 -9.31
CA CYS A 111 11.00 6.03 -8.72
C CYS A 111 10.93 7.48 -9.18
N ASN A 112 12.04 8.21 -9.10
CA ASN A 112 12.14 9.64 -9.48
C ASN A 112 12.12 9.82 -11.01
N GLY A 113 12.21 8.74 -11.78
CA GLY A 113 12.18 8.78 -13.26
C GLY A 113 10.75 8.78 -13.79
N ILE A 114 9.78 8.42 -12.95
CA ILE A 114 8.34 8.40 -13.31
C ILE A 114 7.79 9.81 -13.12
N ALA A 115 7.15 10.38 -14.15
CA ALA A 115 6.40 11.65 -14.03
C ALA A 115 5.47 11.56 -12.82
N PRO A 116 5.56 12.52 -11.86
CA PRO A 116 4.68 12.53 -10.68
C PRO A 116 3.20 12.33 -11.02
N GLU A 117 2.74 12.94 -12.09
CA GLU A 117 1.31 12.92 -12.54
C GLU A 117 0.96 11.47 -12.89
N LYS A 118 1.93 10.65 -13.32
CA LYS A 118 1.71 9.24 -13.75
C LYS A 118 2.15 8.27 -12.64
N ASP A 119 2.63 8.77 -11.52
CA ASP A 119 3.30 7.92 -10.48
C ASP A 119 2.23 7.29 -9.60
N VAL A 120 1.62 6.19 -10.03
CA VAL A 120 0.43 5.61 -9.34
C VAL A 120 0.84 4.95 -8.02
N ASP A 121 2.11 4.61 -7.82
CA ASP A 121 2.58 4.09 -6.50
C ASP A 121 2.85 5.25 -5.52
N GLY A 122 2.95 6.47 -6.02
CA GLY A 122 3.31 7.64 -5.20
C GLY A 122 4.68 7.55 -4.57
N PHE A 123 5.65 6.91 -5.22
CA PHE A 123 7.03 6.74 -4.67
C PHE A 123 7.94 7.88 -5.11
N HIS A 124 7.52 8.68 -6.09
CA HIS A 124 8.32 9.83 -6.58
C HIS A 124 8.46 10.83 -5.42
N ILE A 125 9.66 11.37 -5.29
CA ILE A 125 10.07 12.29 -4.18
C ILE A 125 9.05 13.43 -3.99
N ILE A 126 8.54 14.02 -5.07
CA ILE A 126 7.47 15.07 -5.04
C ILE A 126 6.22 14.47 -4.40
N ASN A 127 5.84 13.25 -4.74
CA ASN A 127 4.61 12.63 -4.19
C ASN A 127 4.82 12.33 -2.71
N ILE A 128 6.04 11.93 -2.33
CA ILE A 128 6.41 11.65 -0.91
C ILE A 128 6.44 12.97 -0.14
N GLY A 129 7.07 13.98 -0.73
CA GLY A 129 7.11 15.34 -0.18
C GLY A 129 5.70 15.82 0.15
N ARG A 130 4.79 15.73 -0.81
CA ARG A 130 3.39 16.22 -0.71
C ARG A 130 2.65 15.38 0.34
N LEU A 131 2.94 14.09 0.45
CA LEU A 131 2.31 13.20 1.46
C LEU A 131 2.70 13.71 2.85
N CYS A 132 3.97 14.08 3.01
CA CYS A 132 4.57 14.41 4.32
C CYS A 132 4.13 15.80 4.76
N LEU A 133 3.55 16.58 3.85
CA LEU A 133 3.01 17.94 4.09
C LEU A 133 1.48 17.91 4.07
N ASP A 134 0.88 16.72 4.04
CA ASP A 134 -0.59 16.55 4.11
C ASP A 134 -1.25 17.28 2.93
N GLN A 135 -0.62 17.27 1.75
CA GLN A 135 -1.23 17.86 0.53
C GLN A 135 -1.86 16.75 -0.31
N HIS A 136 -2.75 17.09 -1.25
CA HIS A 136 -3.28 16.11 -2.24
C HIS A 136 -2.10 15.50 -2.98
N SER A 137 -2.07 14.18 -3.14
CA SER A 137 -0.94 13.42 -3.74
C SER A 137 -1.46 12.06 -4.17
N LEU A 138 -0.71 11.36 -5.01
CA LEU A 138 -0.94 9.89 -5.22
C LEU A 138 -0.33 9.17 -4.02
N ILE A 139 -1.19 8.64 -3.15
CA ILE A 139 -0.80 8.03 -1.85
C ILE A 139 -0.42 6.57 -2.09
N PRO A 140 0.77 6.14 -1.62
CA PRO A 140 1.17 4.75 -1.77
C PRO A 140 0.03 3.78 -1.46
N ALA A 141 -0.10 2.75 -2.29
CA ALA A 141 -1.25 1.80 -2.33
C ALA A 141 -1.38 1.02 -1.02
N THR A 142 -0.31 0.39 -0.52
CA THR A 142 -0.36 -0.45 0.70
C THR A 142 -0.70 0.43 1.91
N ALA A 143 -0.12 1.62 1.96
CA ALA A 143 -0.41 2.63 3.01
C ALA A 143 -1.88 3.01 2.93
N SER A 144 -2.37 3.40 1.74
CA SER A 144 -3.81 3.70 1.48
C SER A 144 -4.69 2.56 1.98
N ALA A 145 -4.29 1.34 1.63
CA ALA A 145 -5.00 0.07 1.90
C ALA A 145 -5.25 -0.05 3.39
N VAL A 146 -4.18 0.08 4.16
CA VAL A 146 -4.23 0.00 5.65
C VAL A 146 -5.21 1.05 6.19
N TRP A 147 -5.02 2.31 5.81
CA TRP A 147 -5.91 3.45 6.15
C TRP A 147 -7.36 3.10 5.77
N GLU A 148 -7.62 2.55 4.59
CA GLU A 148 -9.00 2.22 4.11
C GLU A 148 -9.63 1.09 4.94
N ILE A 149 -8.89 0.01 5.18
CA ILE A 149 -9.36 -1.09 6.06
C ILE A 149 -9.81 -0.49 7.39
N ILE A 150 -8.99 0.40 7.94
CA ILE A 150 -9.26 0.97 9.29
C ILE A 150 -10.58 1.75 9.22
N LYS A 151 -10.69 2.65 8.24
CA LYS A 151 -11.82 3.60 8.15
C LYS A 151 -13.13 2.83 7.88
N ARG A 152 -13.12 1.91 6.93
CA ARG A 152 -14.33 1.14 6.55
C ARG A 152 -14.69 0.10 7.61
N THR A 153 -13.79 -0.31 8.48
CA THR A 153 -14.15 -1.18 9.63
C THR A 153 -14.76 -0.29 10.74
N GLY A 154 -14.55 1.01 10.71
CA GLY A 154 -14.96 1.92 11.79
C GLY A 154 -14.03 1.82 13.00
N ILE A 155 -12.76 1.45 12.78
CA ILE A 155 -11.71 1.48 13.82
C ILE A 155 -11.33 2.96 13.99
N GLN A 156 -11.59 3.51 15.18
CA GLN A 156 -11.30 4.93 15.54
C GLN A 156 -9.78 5.13 15.63
N THR A 157 -9.27 6.16 14.99
CA THR A 157 -7.84 6.57 15.07
C THR A 157 -7.70 7.82 15.94
N PHE A 158 -8.72 8.66 15.95
CA PHE A 158 -8.69 10.01 16.57
C PHE A 158 -8.38 9.87 18.05
N GLY A 159 -7.23 10.39 18.49
CA GLY A 159 -6.80 10.39 19.91
C GLY A 159 -6.35 9.01 20.37
N LYS A 160 -6.24 8.04 19.47
CA LYS A 160 -5.96 6.62 19.82
C LYS A 160 -4.48 6.34 19.73
N ASN A 161 -4.02 5.34 20.47
CA ASN A 161 -2.60 4.92 20.47
C ASN A 161 -2.44 3.96 19.30
N VAL A 162 -1.49 4.24 18.42
CA VAL A 162 -1.20 3.37 17.24
C VAL A 162 0.30 3.06 17.20
N VAL A 163 0.66 1.80 17.08
CA VAL A 163 2.09 1.41 16.87
C VAL A 163 2.20 1.01 15.41
N VAL A 164 3.14 1.60 14.68
CA VAL A 164 3.55 1.12 13.34
C VAL A 164 4.92 0.43 13.50
N ALA A 165 4.94 -0.89 13.30
CA ALA A 165 6.16 -1.73 13.38
C ALA A 165 6.73 -1.83 11.97
N GLY A 166 7.67 -0.96 11.61
CA GLY A 166 8.06 -0.71 10.21
C GLY A 166 8.21 0.78 9.92
N ARG A 167 9.35 1.13 9.33
CA ARG A 167 9.71 2.51 8.93
C ARG A 167 10.08 2.57 7.44
N SER A 168 9.82 1.52 6.67
CA SER A 168 10.19 1.54 5.22
C SER A 168 9.62 2.82 4.58
N LYS A 169 10.37 3.38 3.62
CA LYS A 169 10.01 4.63 2.91
C LYS A 169 8.79 4.39 2.00
N ASN A 170 8.58 3.16 1.53
CA ASN A 170 7.46 2.81 0.61
C ASN A 170 6.18 2.46 1.40
N VAL A 171 6.28 1.95 2.62
CA VAL A 171 5.08 1.39 3.34
C VAL A 171 4.97 1.95 4.76
N GLY A 172 5.99 1.73 5.60
CA GLY A 172 5.99 2.07 7.03
C GLY A 172 5.83 3.56 7.29
N MET A 173 6.69 4.37 6.69
CA MET A 173 6.71 5.83 6.89
C MET A 173 5.40 6.41 6.39
N PRO A 174 4.94 6.14 5.15
CA PRO A 174 3.60 6.59 4.73
C PRO A 174 2.44 6.23 5.66
N ILE A 175 2.43 5.02 6.22
CA ILE A 175 1.39 4.58 7.20
C ILE A 175 1.46 5.52 8.40
N ALA A 176 2.64 5.70 9.00
CA ALA A 176 2.83 6.59 10.16
C ALA A 176 2.30 7.98 9.81
N MET A 177 2.56 8.42 8.58
CA MET A 177 2.21 9.78 8.09
C MET A 177 0.69 9.90 8.00
N LEU A 178 -0.01 8.97 7.34
CA LEU A 178 -1.49 9.02 7.22
C LEU A 178 -2.10 9.03 8.62
N LEU A 179 -1.61 8.17 9.52
CA LEU A 179 -2.32 7.83 10.79
C LEU A 179 -2.22 8.99 11.79
N HIS A 180 -1.12 9.76 11.79
CA HIS A 180 -0.83 10.69 12.91
C HIS A 180 -1.28 12.12 12.58
N THR A 181 -1.58 12.42 11.31
CA THR A 181 -1.64 13.81 10.80
C THR A 181 -3.08 14.34 10.96
N ASP A 182 -3.22 15.65 10.76
CA ASP A 182 -4.42 16.46 11.11
C ASP A 182 -5.60 16.09 10.22
N GLY A 183 -6.73 15.72 10.84
CA GLY A 183 -8.01 15.40 10.19
C GLY A 183 -8.55 16.54 9.35
N GLU A 184 -8.06 17.77 9.48
CA GLU A 184 -8.62 18.95 8.77
C GLU A 184 -7.72 19.43 7.64
N HIS A 185 -6.59 18.79 7.38
CA HIS A 185 -5.62 19.25 6.36
C HIS A 185 -6.11 18.85 4.98
N GLU A 186 -5.54 19.43 3.93
CA GLU A 186 -5.96 19.21 2.52
C GLU A 186 -6.13 17.69 2.29
N ARG A 187 -5.15 16.88 2.70
CA ARG A 187 -5.24 15.40 2.71
C ARG A 187 -5.38 14.97 4.17
N PRO A 188 -6.62 14.77 4.66
CA PRO A 188 -6.85 14.47 6.07
C PRO A 188 -5.99 13.31 6.55
N GLY A 189 -5.59 13.32 7.82
CA GLY A 189 -4.92 12.22 8.53
C GLY A 189 -5.79 11.63 9.64
N GLY A 190 -5.27 10.68 10.41
CA GLY A 190 -6.03 9.95 11.43
C GLY A 190 -6.07 10.61 12.80
N ASP A 191 -5.17 11.57 13.08
CA ASP A 191 -5.08 12.28 14.38
C ASP A 191 -4.81 11.28 15.51
N ALA A 192 -4.09 10.22 15.19
CA ALA A 192 -3.68 9.16 16.13
C ALA A 192 -2.35 9.54 16.77
N THR A 193 -2.08 8.96 17.94
CA THR A 193 -0.78 9.02 18.66
C THR A 193 0.06 7.83 18.20
N VAL A 194 1.04 8.10 17.32
CA VAL A 194 1.76 7.05 16.56
C VAL A 194 3.15 6.84 17.17
N THR A 195 3.46 5.60 17.57
CA THR A 195 4.82 5.12 17.85
C THR A 195 5.38 4.38 16.62
N ILE A 196 6.56 4.78 16.13
CA ILE A 196 7.29 4.14 15.01
C ILE A 196 8.35 3.20 15.62
N ALA A 197 8.23 1.90 15.33
CA ALA A 197 9.21 0.88 15.73
C ALA A 197 9.93 0.40 14.46
N HIS A 198 11.06 -0.27 14.61
CA HIS A 198 11.88 -0.72 13.47
C HIS A 198 12.88 -1.76 14.00
N ARG A 199 13.80 -2.23 13.17
CA ARG A 199 14.67 -3.38 13.53
C ARG A 199 15.49 -3.07 14.79
N TYR A 200 15.68 -1.81 15.15
CA TYR A 200 16.53 -1.43 16.31
C TYR A 200 15.70 -1.06 17.54
N THR A 201 14.38 -1.24 17.49
CA THR A 201 13.51 -1.20 18.69
C THR A 201 13.70 -2.52 19.45
N PRO A 202 14.27 -2.56 20.67
CA PRO A 202 14.38 -3.81 21.39
C PRO A 202 12.98 -4.42 21.54
N LYS A 203 12.84 -5.74 21.31
CA LYS A 203 11.55 -6.47 21.36
C LYS A 203 10.81 -6.09 22.65
N GLU A 204 11.54 -5.96 23.76
CA GLU A 204 10.89 -5.67 25.06
C GLU A 204 10.24 -4.27 24.97
N GLN A 205 10.86 -3.32 24.26
CA GLN A 205 10.27 -1.96 24.14
C GLN A 205 9.05 -2.01 23.20
N LEU A 206 9.14 -2.77 22.12
CA LEU A 206 8.02 -2.98 21.17
C LEU A 206 6.78 -3.49 21.92
N LYS A 207 6.96 -4.52 22.75
CA LYS A 207 5.86 -5.11 23.56
C LYS A 207 5.25 -4.04 24.49
N ILE A 208 6.08 -3.35 25.27
CA ILE A 208 5.62 -2.26 26.18
C ILE A 208 4.70 -1.32 25.38
N HIS A 209 5.05 -0.98 24.13
CA HIS A 209 4.30 0.01 23.30
C HIS A 209 3.03 -0.64 22.72
N THR A 210 3.13 -1.85 22.17
CA THR A 210 1.96 -2.54 21.57
C THR A 210 0.90 -2.77 22.66
N GLN A 211 1.32 -3.03 23.90
CA GLN A 211 0.37 -3.29 25.01
C GLN A 211 -0.58 -2.11 25.21
N LEU A 212 -0.13 -0.89 24.95
CA LEU A 212 -0.93 0.35 25.12
C LEU A 212 -1.69 0.68 23.85
N ALA A 213 -1.48 -0.06 22.75
CA ALA A 213 -1.94 0.31 21.41
C ALA A 213 -3.43 -0.05 21.21
N ASP A 214 -4.20 0.87 20.67
CA ASP A 214 -5.57 0.62 20.16
C ASP A 214 -5.48 -0.01 18.76
N ILE A 215 -4.38 0.22 18.05
CA ILE A 215 -4.14 -0.36 16.70
C ILE A 215 -2.66 -0.72 16.61
N ILE A 216 -2.35 -1.96 16.24
CA ILE A 216 -1.00 -2.37 15.78
C ILE A 216 -1.04 -2.52 14.25
N ILE A 217 -0.11 -1.87 13.57
CA ILE A 217 0.16 -2.08 12.13
C ILE A 217 1.61 -2.53 11.99
N VAL A 218 1.83 -3.76 11.54
CA VAL A 218 3.16 -4.39 11.45
C VAL A 218 3.48 -4.59 9.97
N ALA A 219 4.60 -4.04 9.48
CA ALA A 219 5.12 -4.24 8.10
C ALA A 219 6.61 -4.57 8.17
N ALA A 220 6.94 -5.72 8.74
CA ALA A 220 8.31 -6.10 9.14
C ALA A 220 8.85 -7.22 8.26
N GLY A 221 8.03 -8.21 7.88
CA GLY A 221 8.51 -9.46 7.27
C GLY A 221 9.19 -10.36 8.30
N ILE A 222 8.61 -10.49 9.49
CA ILE A 222 9.10 -11.36 10.59
C ILE A 222 7.90 -12.17 11.08
N PRO A 223 7.74 -13.44 10.68
CA PRO A 223 6.65 -14.26 11.17
C PRO A 223 6.61 -14.25 12.69
N LYS A 224 5.39 -14.11 13.22
CA LYS A 224 5.05 -14.14 14.67
C LYS A 224 5.78 -13.04 15.42
N LEU A 225 6.12 -11.93 14.77
CA LEU A 225 6.66 -10.74 15.49
C LEU A 225 5.65 -10.27 16.53
N ILE A 226 4.37 -10.30 16.17
CA ILE A 226 3.28 -9.87 17.09
C ILE A 226 2.64 -11.13 17.66
N THR A 227 2.89 -11.37 18.94
CA THR A 227 2.32 -12.48 19.74
C THR A 227 1.21 -11.90 20.60
N SER A 228 0.30 -12.74 21.09
CA SER A 228 -0.94 -12.31 21.78
C SER A 228 -0.61 -11.52 23.06
N ASP A 229 0.47 -11.87 23.77
CA ASP A 229 0.97 -11.21 25.02
C ASP A 229 1.28 -9.73 24.76
N MET A 230 1.51 -9.36 23.50
CA MET A 230 1.88 -8.00 23.08
C MET A 230 0.61 -7.18 22.83
N VAL A 231 -0.56 -7.82 22.74
CA VAL A 231 -1.76 -7.13 22.20
C VAL A 231 -2.69 -6.75 23.35
N LYS A 232 -3.18 -5.52 23.34
CA LYS A 232 -4.26 -5.04 24.23
C LYS A 232 -5.56 -5.74 23.84
N GLU A 233 -6.32 -6.22 24.83
CA GLU A 233 -7.69 -6.78 24.65
C GLU A 233 -8.48 -5.84 23.78
N GLY A 234 -9.09 -6.33 22.71
CA GLY A 234 -10.02 -5.57 21.86
C GLY A 234 -9.31 -4.75 20.80
N ALA A 235 -7.98 -4.72 20.79
CA ALA A 235 -7.17 -3.88 19.88
C ALA A 235 -7.38 -4.33 18.42
N ALA A 236 -7.15 -3.45 17.45
CA ALA A 236 -7.12 -3.80 16.00
C ALA A 236 -5.68 -4.11 15.57
N VAL A 237 -5.51 -5.19 14.81
CA VAL A 237 -4.18 -5.70 14.38
C VAL A 237 -4.22 -5.84 12.86
N ILE A 238 -3.46 -4.97 12.20
CA ILE A 238 -3.39 -4.91 10.72
C ILE A 238 -2.05 -5.50 10.31
N ASP A 239 -2.09 -6.58 9.54
CA ASP A 239 -0.90 -7.41 9.23
C ASP A 239 -0.51 -7.18 7.77
N VAL A 240 0.50 -6.34 7.56
CA VAL A 240 1.01 -6.03 6.20
C VAL A 240 2.12 -7.02 5.82
N GLY A 241 2.54 -7.92 6.72
CA GLY A 241 3.60 -8.93 6.45
C GLY A 241 3.19 -9.95 5.40
N ILE A 242 4.10 -10.29 4.48
CA ILE A 242 3.97 -11.43 3.52
C ILE A 242 5.20 -12.33 3.69
N ASN A 243 5.09 -13.46 4.38
CA ASN A 243 6.24 -14.38 4.62
C ASN A 243 5.94 -15.75 3.98
N TYR A 244 6.75 -16.13 2.99
CA TYR A 244 6.78 -17.48 2.35
C TYR A 244 7.82 -18.32 3.11
N VAL A 245 7.37 -19.21 4.00
CA VAL A 245 8.26 -19.95 4.96
C VAL A 245 8.26 -21.47 4.65
N LYS A 254 3.90 -22.30 2.06
CA LYS A 254 3.17 -21.74 3.24
C LYS A 254 3.31 -20.21 3.30
N LEU A 255 2.18 -19.48 3.27
CA LEU A 255 2.13 -17.99 3.33
C LEU A 255 1.56 -17.56 4.69
N VAL A 256 2.36 -16.85 5.49
CA VAL A 256 1.97 -16.32 6.84
C VAL A 256 2.29 -14.82 6.92
N GLY A 257 1.65 -14.12 7.86
CA GLY A 257 1.90 -12.71 8.16
C GLY A 257 2.98 -12.53 9.22
N ASP A 258 3.04 -11.32 9.80
CA ASP A 258 3.98 -10.97 10.89
C ASP A 258 3.27 -11.23 12.22
N VAL A 259 1.99 -11.59 12.19
CA VAL A 259 1.12 -11.72 13.40
C VAL A 259 0.95 -13.21 13.67
N ASP A 260 1.01 -13.62 14.94
CA ASP A 260 0.66 -15.00 15.36
C ASP A 260 -0.87 -15.12 15.39
N PHE A 261 -1.48 -15.31 14.21
CA PHE A 261 -2.92 -15.11 13.95
C PHE A 261 -3.75 -16.01 14.88
N GLU A 262 -3.38 -17.27 15.02
CA GLU A 262 -4.22 -18.28 15.72
C GLU A 262 -4.34 -17.94 17.20
N ALA A 263 -3.34 -17.28 17.78
CA ALA A 263 -3.32 -16.77 19.16
C ALA A 263 -3.96 -15.37 19.23
N VAL A 264 -3.52 -14.47 18.35
CA VAL A 264 -3.87 -13.01 18.43
C VAL A 264 -5.36 -12.85 18.12
N LYS A 265 -5.96 -13.71 17.31
CA LYS A 265 -7.42 -13.68 17.02
C LYS A 265 -8.27 -13.98 18.27
N LYS A 266 -7.66 -14.48 19.35
CA LYS A 266 -8.32 -14.76 20.67
C LYS A 266 -8.22 -13.56 21.63
N LYS A 267 -7.41 -12.55 21.29
CA LYS A 267 -7.08 -11.39 22.14
C LYS A 267 -7.63 -10.11 21.50
N ALA A 268 -7.39 -9.92 20.20
CA ALA A 268 -7.76 -8.70 19.45
C ALA A 268 -9.28 -8.60 19.26
N GLY A 269 -9.75 -7.36 18.99
CA GLY A 269 -11.13 -7.07 18.55
C GLY A 269 -11.27 -7.12 17.05
N PHE A 270 -10.16 -6.93 16.30
CA PHE A 270 -10.14 -6.94 14.81
C PHE A 270 -8.78 -7.40 14.32
N ILE A 271 -8.76 -8.21 13.27
CA ILE A 271 -7.49 -8.75 12.71
C ILE A 271 -7.66 -8.88 11.20
N THR A 272 -6.58 -8.63 10.45
CA THR A 272 -6.50 -8.97 9.02
C THR A 272 -5.70 -10.26 8.91
N PRO A 273 -6.22 -11.19 8.09
CA PRO A 273 -5.53 -12.44 7.83
C PRO A 273 -4.50 -12.23 6.73
N VAL A 274 -3.59 -13.19 6.60
CA VAL A 274 -2.65 -13.30 5.46
C VAL A 274 -2.70 -14.76 5.01
N PRO A 275 -3.03 -15.10 3.73
CA PRO A 275 -3.46 -14.12 2.72
C PRO A 275 -4.88 -13.60 2.98
N GLY A 276 -5.39 -12.75 2.09
CA GLY A 276 -6.80 -12.29 2.07
C GLY A 276 -7.06 -11.02 2.86
N GLY A 277 -6.02 -10.33 3.35
CA GLY A 277 -6.15 -9.10 4.15
C GLY A 277 -5.72 -7.88 3.36
N VAL A 278 -4.58 -7.29 3.73
CA VAL A 278 -4.04 -6.07 3.08
C VAL A 278 -3.72 -6.32 1.59
N GLY A 279 -3.27 -7.53 1.24
CA GLY A 279 -2.83 -7.89 -0.12
C GLY A 279 -3.81 -7.42 -1.19
N PRO A 280 -5.05 -7.93 -1.19
CA PRO A 280 -6.05 -7.54 -2.20
C PRO A 280 -6.38 -6.04 -2.20
N MET A 281 -6.30 -5.40 -1.02
CA MET A 281 -6.56 -3.94 -0.87
C MET A 281 -5.41 -3.12 -1.48
N THR A 282 -4.15 -3.58 -1.38
CA THR A 282 -3.00 -2.96 -2.11
C THR A 282 -3.37 -2.79 -3.60
N VAL A 283 -3.85 -3.87 -4.21
CA VAL A 283 -4.26 -3.90 -5.64
C VAL A 283 -5.38 -2.87 -5.88
N ALA A 284 -6.41 -2.86 -5.03
CA ALA A 284 -7.60 -2.02 -5.20
C ALA A 284 -7.20 -0.53 -5.18
N MET A 285 -6.40 -0.15 -4.19
CA MET A 285 -5.96 1.26 -3.99
C MET A 285 -5.03 1.68 -5.14
N LEU A 286 -4.29 0.77 -5.77
CA LEU A 286 -3.45 1.10 -6.94
C LEU A 286 -4.37 1.51 -8.10
N LEU A 287 -5.49 0.82 -8.25
CA LEU A 287 -6.48 1.08 -9.35
C LEU A 287 -7.16 2.42 -9.09
N LYS A 288 -7.50 2.68 -7.82
CA LYS A 288 -8.02 4.00 -7.41
C LYS A 288 -7.00 5.05 -7.84
N ASN A 289 -5.71 4.83 -7.57
CA ASN A 289 -4.63 5.78 -7.93
C ASN A 289 -4.55 5.93 -9.45
N THR A 290 -4.81 4.84 -10.18
CA THR A 290 -4.68 4.82 -11.66
C THR A 290 -5.78 5.72 -12.25
N LEU A 291 -7.01 5.57 -11.80
CA LEU A 291 -8.13 6.47 -12.17
C LEU A 291 -7.78 7.92 -11.78
N LEU A 292 -7.48 8.16 -10.51
CA LEU A 292 -7.13 9.52 -9.98
C LEU A 292 -6.03 10.17 -10.85
N ALA A 293 -4.96 9.45 -11.17
CA ALA A 293 -3.85 9.95 -12.01
C ALA A 293 -4.36 10.34 -13.41
N ALA A 294 -5.28 9.57 -14.00
CA ALA A 294 -5.78 9.77 -15.39
C ALA A 294 -6.54 11.10 -15.49
N LYS A 295 -7.11 11.57 -14.37
CA LYS A 295 -7.96 12.78 -14.32
C LYS A 295 -7.07 14.02 -14.19
N LYS A 296 -5.77 13.81 -13.96
CA LYS A 296 -4.73 14.88 -13.92
C LYS A 296 -5.24 16.08 -13.12
N ILE A 297 -5.59 15.90 -11.85
CA ILE A 297 -6.19 16.96 -10.98
C ILE A 297 -5.27 17.34 -9.81
N ILE A 298 -4.15 16.63 -9.58
CA ILE A 298 -3.22 16.99 -8.46
C ILE A 298 -2.27 18.10 -8.93
N TYR A 299 -1.75 18.00 -10.16
CA TYR A 299 -0.72 18.89 -10.76
C TYR A 299 -1.30 19.61 -11.97
#